data_2Q0U
#
_entry.id   2Q0U
#
_cell.length_a   57.683
_cell.length_b   54.342
_cell.length_c   105.895
_cell.angle_alpha   90.000
_cell.angle_beta   90.270
_cell.angle_gamma   90.000
#
_symmetry.space_group_name_H-M   'C 1 2 1'
#
loop_
_entity.id
_entity.type
_entity.pdbx_description
1 polymer Actin
2 non-polymer 'CALCIUM ION'
3 non-polymer "ADENOSINE-5'-TRIPHOSPHATE"
4 non-polymer 'LATRUNCULIN B'
5 non-polymer PECTENOTOXIN-2
6 water water
#
_entity_poly.entity_id   1
_entity_poly.type   'polypeptide(L)'
_entity_poly.pdbx_seq_one_letter_code
;DEDETTALVCDNGSGLVKAGFAGDDAPRAVFPSIVGRPRHQGVMVGMGQKDSYVGDEAQSKRGILTLKYPIE(HIC)GII
TNWDDMEKIWHHTFYNELRVAPEEHPTLLTEAPLNPKANREKMTQIMFETFNVPAMYVAIQAVLSLYASGRTTGIVLDSG
DGVTHNVPIYEGYALPHAIMRLDLAGRDLTDYLMKILTERGYSFVTTAEREIVRDIKEKLCYVALDFENEMATAASSSSL
EKSYELPDGQVITIGNERFRCPETLFQPSFIGMESAGIHETTYNSIMKCDIDIRKDLYANNVMSGGTTMYPGIADRMQKE
ITALAPSTMKIKIIAPPERKYSVWIGGSILASLSTFQQMWITKQEYDEAGPSIVHRKCF
;
_entity_poly.pdbx_strand_id   A
#
# COMPACT_ATOMS: atom_id res chain seq x y z
N ALA A 7 22.21 4.64 -5.18
CA ALA A 7 20.89 5.32 -5.32
C ALA A 7 20.03 5.08 -4.09
N LEU A 8 19.14 6.03 -3.80
CA LEU A 8 18.20 5.92 -2.68
C LEU A 8 16.85 5.45 -3.21
N VAL A 9 16.12 4.71 -2.36
CA VAL A 9 14.76 4.29 -2.68
C VAL A 9 13.86 4.71 -1.52
N CYS A 10 12.87 5.54 -1.81
CA CYS A 10 11.90 5.97 -0.82
CA CYS A 10 11.90 5.97 -0.82
C CYS A 10 10.49 5.67 -1.32
N ASP A 11 9.77 4.87 -0.54
CA ASP A 11 8.39 4.50 -0.83
C ASP A 11 7.48 5.18 0.20
N ASN A 12 6.79 6.21 -0.24
CA ASN A 12 5.96 7.01 0.64
C ASN A 12 4.53 6.54 0.63
N GLY A 13 4.11 5.94 1.74
CA GLY A 13 2.74 5.50 1.90
C GLY A 13 1.92 6.45 2.75
N SER A 14 0.61 6.22 2.73
CA SER A 14 -0.32 7.00 3.53
C SER A 14 -0.04 6.86 5.03
N GLY A 15 0.36 5.66 5.44
CA GLY A 15 0.65 5.36 6.84
C GLY A 15 2.12 5.25 7.16
N LEU A 16 2.87 4.55 6.32
CA LEU A 16 4.28 4.24 6.57
C LEU A 16 5.19 4.63 5.42
N VAL A 17 6.33 5.23 5.76
CA VAL A 17 7.40 5.47 4.82
C VAL A 17 8.38 4.30 4.91
N LYS A 18 8.85 3.84 3.76
CA LYS A 18 9.88 2.79 3.68
C LYS A 18 11.04 3.39 2.91
N ALA A 19 12.23 3.39 3.50
CA ALA A 19 13.39 4.07 2.91
C ALA A 19 14.65 3.24 3.04
N GLY A 20 15.54 3.37 2.07
CA GLY A 20 16.79 2.64 2.09
C GLY A 20 17.61 2.87 0.85
N PHE A 21 18.55 1.96 0.61
CA PHE A 21 19.51 2.09 -0.49
C PHE A 21 19.24 1.03 -1.55
N ALA A 22 19.26 1.45 -2.81
CA ALA A 22 19.09 0.51 -3.92
C ALA A 22 20.17 -0.58 -3.83
N GLY A 23 19.74 -1.82 -4.02
CA GLY A 23 20.63 -2.96 -3.96
C GLY A 23 20.53 -3.71 -2.64
N ASP A 24 19.96 -3.07 -1.62
CA ASP A 24 19.68 -3.75 -0.35
C ASP A 24 18.39 -4.57 -0.49
N ASP A 25 18.31 -5.63 0.31
CA ASP A 25 17.19 -6.58 0.25
C ASP A 25 15.97 -6.11 1.05
N ALA A 26 16.16 -5.09 1.88
CA ALA A 26 15.12 -4.60 2.77
C ALA A 26 15.34 -3.13 3.07
N PRO A 27 14.26 -2.40 3.38
CA PRO A 27 14.44 -0.99 3.72
C PRO A 27 15.23 -0.85 5.02
N ARG A 28 16.01 0.23 5.14
CA ARG A 28 16.74 0.51 6.38
C ARG A 28 15.84 1.12 7.46
N ALA A 29 14.80 1.82 7.02
CA ALA A 29 13.93 2.58 7.91
C ALA A 29 12.49 2.43 7.46
N VAL A 30 11.64 2.07 8.40
CA VAL A 30 10.20 2.07 8.20
C VAL A 30 9.63 2.87 9.35
N PHE A 31 8.91 3.96 9.05
CA PHE A 31 8.45 4.87 10.08
C PHE A 31 7.14 5.56 9.66
N PRO A 32 6.38 6.06 10.65
CA PRO A 32 5.07 6.62 10.33
C PRO A 32 5.12 7.89 9.50
N SER A 33 4.23 7.99 8.53
CA SER A 33 4.14 9.14 7.64
C SER A 33 3.27 10.24 8.31
N ILE A 34 3.87 10.85 9.32
CA ILE A 34 3.22 11.85 10.14
C ILE A 34 4.17 13.00 10.42
N VAL A 35 3.58 14.18 10.64
CA VAL A 35 4.32 15.31 11.19
C VAL A 35 3.52 15.80 12.38
N GLY A 36 4.22 16.06 13.47
CA GLY A 36 3.59 16.44 14.73
C GLY A 36 3.96 17.86 15.16
N ARG A 37 3.01 18.55 15.78
CA ARG A 37 3.26 19.89 16.31
C ARG A 37 2.72 20.03 17.73
N PRO A 38 3.38 20.87 18.55
CA PRO A 38 2.90 21.08 19.92
C PRO A 38 1.76 22.09 19.99
N ASP A 51 9.78 23.11 16.66
CA ASP A 51 8.38 23.49 16.46
C ASP A 51 7.58 22.47 15.64
N SER A 52 8.27 21.54 14.98
CA SER A 52 7.62 20.36 14.42
C SER A 52 8.52 19.13 14.54
N TYR A 53 7.87 17.97 14.70
CA TYR A 53 8.56 16.69 14.81
C TYR A 53 8.03 15.76 13.73
N VAL A 54 8.92 14.94 13.18
CA VAL A 54 8.61 14.14 12.00
C VAL A 54 8.72 12.66 12.29
N GLY A 55 7.75 11.90 11.79
CA GLY A 55 7.86 10.45 11.72
C GLY A 55 8.01 9.79 13.08
N ASP A 56 9.09 9.04 13.22
CA ASP A 56 9.36 8.30 14.45
C ASP A 56 9.69 9.21 15.63
N GLU A 57 10.19 10.41 15.37
CA GLU A 57 10.35 11.39 16.44
C GLU A 57 9.01 11.88 16.96
N ALA A 58 8.08 12.17 16.04
CA ALA A 58 6.74 12.61 16.41
C ALA A 58 6.00 11.52 17.19
N GLN A 59 6.17 10.27 16.76
CA GLN A 59 5.57 9.11 17.41
C GLN A 59 5.94 9.02 18.90
N SER A 60 7.20 9.32 19.22
CA SER A 60 7.70 9.22 20.60
C SER A 60 7.15 10.30 21.53
N LYS A 61 6.52 11.33 20.95
CA LYS A 61 5.84 12.41 21.68
C LYS A 61 4.34 12.18 21.73
N THR A 66 -0.10 17.40 18.16
CA THR A 66 -1.08 17.13 17.13
C THR A 66 -0.41 16.53 15.88
N LEU A 67 -0.97 15.43 15.38
CA LEU A 67 -0.38 14.70 14.25
C LEU A 67 -1.18 14.88 12.95
N LYS A 68 -0.45 15.06 11.85
CA LYS A 68 -1.06 15.20 10.54
C LYS A 68 -0.40 14.22 9.58
N TYR A 69 -1.20 13.65 8.69
CA TYR A 69 -0.71 12.75 7.64
C TYR A 69 -0.58 13.52 6.33
N PRO A 70 0.66 13.74 5.85
CA PRO A 70 0.79 14.50 4.59
C PRO A 70 0.32 13.77 3.32
N ILE A 71 0.12 12.46 3.40
CA ILE A 71 -0.40 11.67 2.28
C ILE A 71 -1.75 11.10 2.66
N GLU A 72 -2.74 11.29 1.80
CA GLU A 72 -4.10 10.84 2.01
C GLU A 72 -4.50 9.97 0.84
N GLY A 74 -2.91 7.67 -0.55
CA GLY A 74 -1.78 7.54 -1.46
C GLY A 74 -1.32 8.79 -2.18
N ILE A 75 -2.08 9.88 -2.04
CA ILE A 75 -1.82 11.12 -2.75
C ILE A 75 -1.24 12.15 -1.78
N ILE A 76 -0.16 12.82 -2.18
CA ILE A 76 0.43 13.86 -1.34
C ILE A 76 -0.48 15.08 -1.31
N THR A 77 -0.88 15.49 -0.12
CA THR A 77 -1.82 16.61 0.03
C THR A 77 -1.25 17.77 0.85
N ASN A 78 -0.23 17.52 1.66
CA ASN A 78 0.44 18.60 2.40
C ASN A 78 1.91 18.62 2.00
N TRP A 79 2.26 19.53 1.10
CA TRP A 79 3.59 19.56 0.50
C TRP A 79 4.67 20.06 1.45
N ASP A 80 4.36 21.02 2.30
CA ASP A 80 5.34 21.52 3.26
C ASP A 80 5.72 20.41 4.25
N ASP A 81 4.72 19.68 4.72
CA ASP A 81 4.99 18.54 5.62
C ASP A 81 5.64 17.38 4.87
N MET A 82 5.32 17.21 3.61
CA MET A 82 6.00 16.20 2.81
C MET A 82 7.49 16.50 2.68
N GLU A 83 7.86 17.77 2.50
CA GLU A 83 9.27 18.16 2.50
C GLU A 83 9.96 17.78 3.82
N LYS A 84 9.25 17.94 4.92
CA LYS A 84 9.77 17.55 6.24
C LYS A 84 10.01 16.04 6.32
N ILE A 85 9.05 15.28 5.81
CA ILE A 85 9.19 13.82 5.74
C ILE A 85 10.41 13.43 4.91
N TRP A 86 10.57 14.06 3.74
CA TRP A 86 11.70 13.73 2.88
C TRP A 86 13.04 14.12 3.51
N HIS A 87 13.10 15.29 4.12
CA HIS A 87 14.34 15.71 4.75
C HIS A 87 14.70 14.78 5.91
N HIS A 88 13.70 14.40 6.70
CA HIS A 88 13.89 13.45 7.80
C HIS A 88 14.41 12.12 7.26
N THR A 89 13.87 11.68 6.12
CA THR A 89 14.30 10.44 5.48
C THR A 89 15.77 10.50 5.09
N PHE A 90 16.16 11.56 4.40
CA PHE A 90 17.54 11.70 3.96
C PHE A 90 18.52 11.86 5.12
N TYR A 91 18.24 12.81 5.99
CA TYR A 91 19.19 13.22 7.04
C TYR A 91 19.22 12.28 8.24
N ASN A 92 18.05 12.00 8.81
CA ASN A 92 17.97 11.23 10.04
C ASN A 92 17.93 9.73 9.82
N GLU A 93 17.13 9.29 8.84
CA GLU A 93 16.93 7.86 8.64
C GLU A 93 18.03 7.19 7.83
N LEU A 94 18.48 7.85 6.75
CA LEU A 94 19.50 7.28 5.86
C LEU A 94 20.90 7.88 6.04
N ARG A 95 20.99 9.02 6.74
CA ARG A 95 22.28 9.70 6.99
C ARG A 95 23.01 10.06 5.69
N VAL A 96 22.28 10.65 4.75
CA VAL A 96 22.83 11.05 3.46
C VAL A 96 22.45 12.47 3.09
N ALA A 97 23.26 13.08 2.23
CA ALA A 97 22.92 14.33 1.55
C ALA A 97 22.32 13.96 0.19
N PRO A 98 21.07 14.37 -0.06
CA PRO A 98 20.39 13.93 -1.30
C PRO A 98 21.02 14.46 -2.60
N GLU A 99 21.78 15.55 -2.51
CA GLU A 99 22.50 16.07 -3.67
C GLU A 99 23.59 15.12 -4.19
N GLU A 100 23.90 14.08 -3.41
CA GLU A 100 24.94 13.12 -3.77
C GLU A 100 24.40 11.76 -4.21
N HIS A 101 23.08 11.61 -4.27
CA HIS A 101 22.47 10.32 -4.62
C HIS A 101 21.28 10.46 -5.56
N PRO A 102 21.31 9.72 -6.69
CA PRO A 102 20.07 9.55 -7.45
C PRO A 102 19.00 8.98 -6.52
N THR A 103 17.76 9.45 -6.66
CA THR A 103 16.70 9.11 -5.73
C THR A 103 15.49 8.58 -6.48
N LEU A 104 15.14 7.33 -6.20
CA LEU A 104 13.92 6.74 -6.75
C LEU A 104 12.78 6.88 -5.74
N LEU A 105 11.68 7.46 -6.18
CA LEU A 105 10.48 7.62 -5.36
C LEU A 105 9.37 6.78 -5.95
N THR A 106 8.28 6.64 -5.19
CA THR A 106 7.12 5.88 -5.66
C THR A 106 5.88 6.75 -5.65
N GLU A 107 4.88 6.34 -6.42
CA GLU A 107 3.61 7.03 -6.47
C GLU A 107 2.45 6.06 -6.64
N ALA A 108 1.25 6.54 -6.35
CA ALA A 108 0.02 5.78 -6.57
C ALA A 108 -0.18 5.51 -8.06
N PRO A 109 -0.82 4.38 -8.40
CA PRO A 109 -1.07 4.07 -9.81
C PRO A 109 -1.88 5.12 -10.57
N LEU A 110 -2.72 5.86 -9.86
CA LEU A 110 -3.37 7.06 -10.41
C LEU A 110 -2.98 8.24 -9.50
N ASN A 111 -2.25 9.19 -10.08
CA ASN A 111 -1.69 10.32 -9.33
C ASN A 111 -1.82 11.57 -10.19
N PRO A 112 -2.50 12.61 -9.68
CA PRO A 112 -2.72 13.80 -10.51
C PRO A 112 -1.42 14.37 -11.10
N LYS A 113 -1.52 14.87 -12.33
CA LYS A 113 -0.37 15.40 -13.05
C LYS A 113 0.38 16.45 -12.25
N ALA A 114 -0.36 17.39 -11.67
CA ALA A 114 0.24 18.48 -10.87
C ALA A 114 1.09 17.94 -9.71
N ASN A 115 0.66 16.82 -9.11
CA ASN A 115 1.41 16.22 -8.00
C ASN A 115 2.72 15.61 -8.46
N ARG A 116 2.73 15.01 -9.65
CA ARG A 116 3.95 14.44 -10.22
C ARG A 116 4.99 15.53 -10.47
N GLU A 117 4.51 16.69 -10.93
CA GLU A 117 5.37 17.84 -11.21
C GLU A 117 5.92 18.40 -9.91
N LYS A 118 5.06 18.53 -8.90
CA LYS A 118 5.48 19.08 -7.62
C LYS A 118 6.52 18.20 -6.92
N MET A 119 6.36 16.88 -6.96
CA MET A 119 7.38 15.98 -6.41
C MET A 119 8.71 16.22 -7.10
N THR A 120 8.67 16.33 -8.42
CA THR A 120 9.85 16.54 -9.24
C THR A 120 10.50 17.90 -8.94
N GLN A 121 9.68 18.96 -8.94
CA GLN A 121 10.13 20.30 -8.57
C GLN A 121 10.87 20.28 -7.22
N ILE A 122 10.26 19.66 -6.21
CA ILE A 122 10.84 19.65 -4.88
C ILE A 122 12.17 18.88 -4.84
N MET A 123 12.21 17.73 -5.49
CA MET A 123 13.44 16.92 -5.47
C MET A 123 14.62 17.66 -6.10
N PHE A 124 14.37 18.33 -7.23
CA PHE A 124 15.45 19.07 -7.90
C PHE A 124 15.72 20.45 -7.27
N GLU A 125 14.69 21.23 -7.02
CA GLU A 125 14.88 22.61 -6.51
C GLU A 125 15.15 22.71 -5.01
N THR A 126 14.54 21.81 -4.22
CA THR A 126 14.73 21.86 -2.76
C THR A 126 15.88 20.96 -2.31
N PHE A 127 15.85 19.72 -2.75
CA PHE A 127 16.85 18.75 -2.32
C PHE A 127 18.06 18.63 -3.25
N ASN A 128 18.00 19.30 -4.40
CA ASN A 128 19.13 19.34 -5.34
C ASN A 128 19.64 17.96 -5.72
N VAL A 129 18.73 17.01 -5.91
CA VAL A 129 19.13 15.68 -6.32
C VAL A 129 19.79 15.72 -7.71
N PRO A 130 20.79 14.86 -7.93
CA PRO A 130 21.46 14.80 -9.23
C PRO A 130 20.61 14.08 -10.28
N ALA A 131 19.79 13.14 -9.81
CA ALA A 131 18.91 12.35 -10.67
C ALA A 131 17.70 11.92 -9.86
N MET A 132 16.58 11.73 -10.55
CA MET A 132 15.33 11.32 -9.90
C MET A 132 14.51 10.43 -10.83
N TYR A 133 13.70 9.56 -10.24
CA TYR A 133 12.70 8.83 -10.99
C TYR A 133 11.56 8.51 -10.06
N VAL A 134 10.35 8.42 -10.61
CA VAL A 134 9.20 7.99 -9.83
C VAL A 134 8.50 6.83 -10.54
N ALA A 135 8.30 5.74 -9.77
CA ALA A 135 7.68 4.52 -10.28
C ALA A 135 6.35 4.27 -9.57
N ILE A 136 5.42 3.62 -10.27
CA ILE A 136 4.14 3.25 -9.67
C ILE A 136 4.35 2.12 -8.65
N GLN A 137 3.80 2.30 -7.46
CA GLN A 137 3.98 1.35 -6.37
C GLN A 137 3.69 -0.10 -6.76
N ALA A 138 2.50 -0.33 -7.32
CA ALA A 138 2.10 -1.70 -7.67
C ALA A 138 3.05 -2.35 -8.66
N VAL A 139 3.60 -1.57 -9.60
CA VAL A 139 4.53 -2.09 -10.59
C VAL A 139 5.80 -2.61 -9.91
N LEU A 140 6.32 -1.84 -8.96
CA LEU A 140 7.48 -2.27 -8.19
C LEU A 140 7.23 -3.59 -7.45
N SER A 141 6.03 -3.75 -6.88
CA SER A 141 5.71 -5.01 -6.21
C SER A 141 5.76 -6.20 -7.13
N LEU A 142 5.26 -6.02 -8.35
CA LEU A 142 5.35 -7.08 -9.36
C LEU A 142 6.80 -7.49 -9.58
N TYR A 143 7.68 -6.50 -9.76
CA TYR A 143 9.11 -6.78 -9.95
C TYR A 143 9.69 -7.58 -8.79
N ALA A 144 9.31 -7.23 -7.57
CA ALA A 144 9.81 -7.92 -6.39
C ALA A 144 9.42 -9.39 -6.35
N SER A 145 8.33 -9.75 -7.03
CA SER A 145 7.88 -11.15 -7.13
C SER A 145 8.59 -11.90 -8.25
N GLY A 146 9.42 -11.22 -9.03
CA GLY A 146 10.21 -11.84 -10.11
C GLY A 146 9.47 -11.86 -11.43
N ARG A 147 8.49 -10.96 -11.58
CA ARG A 147 7.64 -10.90 -12.75
C ARG A 147 7.66 -9.53 -13.41
N THR A 148 7.38 -9.52 -14.70
CA THR A 148 7.13 -8.29 -15.44
C THR A 148 5.70 -8.23 -16.00
N THR A 149 4.96 -9.35 -15.91
CA THR A 149 3.56 -9.41 -16.30
C THR A 149 2.73 -10.01 -15.17
N GLY A 150 1.60 -9.39 -14.89
CA GLY A 150 0.71 -9.85 -13.83
C GLY A 150 -0.24 -8.76 -13.43
N ILE A 151 -1.14 -9.06 -12.51
CA ILE A 151 -2.04 -8.06 -11.98
C ILE A 151 -1.84 -7.98 -10.48
N VAL A 152 -1.53 -6.79 -10.00
CA VAL A 152 -1.25 -6.58 -8.60
C VAL A 152 -2.46 -6.00 -7.90
N LEU A 153 -2.76 -6.55 -6.73
CA LEU A 153 -3.67 -5.92 -5.78
C LEU A 153 -2.78 -5.35 -4.72
N ASP A 154 -2.73 -4.02 -4.62
CA ASP A 154 -1.89 -3.34 -3.63
C ASP A 154 -2.84 -2.61 -2.69
N SER A 155 -2.84 -2.99 -1.42
CA SER A 155 -3.75 -2.45 -0.42
C SER A 155 -2.95 -2.09 0.82
N GLY A 156 -2.95 -0.82 1.16
CA GLY A 156 -2.15 -0.29 2.23
C GLY A 156 -3.00 0.23 3.37
N ASP A 157 -2.61 1.36 3.93
CA ASP A 157 -3.34 2.00 5.02
C ASP A 157 -4.44 2.94 4.54
N GLY A 158 -4.24 3.52 3.35
CA GLY A 158 -5.10 4.60 2.86
C GLY A 158 -5.83 4.35 1.57
N VAL A 159 -5.33 3.45 0.72
CA VAL A 159 -5.98 3.22 -0.56
C VAL A 159 -5.64 1.83 -1.09
N THR A 160 -6.48 1.34 -1.98
CA THR A 160 -6.30 0.05 -2.64
C THR A 160 -6.40 0.25 -4.15
N HIS A 161 -5.52 -0.39 -4.92
CA HIS A 161 -5.63 -0.39 -6.38
C HIS A 161 -5.45 -1.80 -6.93
N ASN A 162 -6.07 -2.05 -8.09
CA ASN A 162 -5.76 -3.21 -8.92
C ASN A 162 -5.02 -2.66 -10.14
N VAL A 163 -3.84 -3.21 -10.42
CA VAL A 163 -3.01 -2.67 -11.50
C VAL A 163 -2.53 -3.82 -12.39
N PRO A 164 -3.11 -3.94 -13.60
CA PRO A 164 -2.66 -4.93 -14.56
C PRO A 164 -1.43 -4.39 -15.25
N ILE A 165 -0.44 -5.26 -15.45
CA ILE A 165 0.89 -4.85 -15.90
C ILE A 165 1.33 -5.84 -16.97
N TYR A 166 1.78 -5.32 -18.11
CA TYR A 166 2.28 -6.18 -19.19
C TYR A 166 3.70 -5.77 -19.53
N GLU A 167 4.63 -6.72 -19.39
CA GLU A 167 6.05 -6.51 -19.71
C GLU A 167 6.64 -5.26 -19.08
N GLY A 168 6.40 -5.09 -17.79
CA GLY A 168 7.03 -4.04 -17.01
C GLY A 168 6.24 -2.76 -16.87
N TYR A 169 5.16 -2.62 -17.65
CA TYR A 169 4.43 -1.36 -17.71
C TYR A 169 2.96 -1.54 -17.33
N ALA A 170 2.50 -0.70 -16.40
CA ALA A 170 1.09 -0.66 -16.03
C ALA A 170 0.25 -0.31 -17.24
N LEU A 171 -0.96 -0.86 -17.28
CA LEU A 171 -1.93 -0.57 -18.33
C LEU A 171 -2.91 0.45 -17.76
N PRO A 172 -2.66 1.76 -18.00
CA PRO A 172 -3.37 2.78 -17.23
C PRO A 172 -4.88 2.74 -17.36
N HIS A 173 -5.39 2.35 -18.53
CA HIS A 173 -6.83 2.39 -18.73
C HIS A 173 -7.58 1.32 -17.96
N ALA A 174 -6.85 0.29 -17.51
CA ALA A 174 -7.46 -0.85 -16.82
C ALA A 174 -7.28 -0.82 -15.28
N ILE A 175 -6.64 0.22 -14.76
CA ILE A 175 -6.45 0.35 -13.31
C ILE A 175 -7.78 0.57 -12.60
N MET A 176 -7.96 -0.12 -11.47
CA MET A 176 -9.08 0.14 -10.56
C MET A 176 -8.60 0.64 -9.23
N ARG A 177 -9.46 1.43 -8.58
CA ARG A 177 -9.15 2.07 -7.30
C ARG A 177 -10.32 1.87 -6.34
N LEU A 178 -10.01 1.52 -5.09
CA LEU A 178 -10.96 1.59 -3.98
C LEU A 178 -10.42 2.49 -2.90
N ASP A 179 -11.25 3.39 -2.36
CA ASP A 179 -10.86 4.19 -1.20
C ASP A 179 -10.47 3.30 0.00
N LEU A 180 -11.16 2.20 0.14
CA LEU A 180 -11.08 1.31 1.30
C LEU A 180 -9.69 0.75 1.48
N ALA A 181 -9.13 0.90 2.68
CA ALA A 181 -7.87 0.25 3.01
C ALA A 181 -7.76 0.03 4.52
N GLY A 182 -6.54 -0.11 5.02
CA GLY A 182 -6.35 -0.60 6.37
C GLY A 182 -6.89 0.28 7.47
N ARG A 183 -6.75 1.59 7.32
CA ARG A 183 -7.23 2.50 8.35
C ARG A 183 -8.75 2.42 8.48
N ASP A 184 -9.45 2.31 7.35
CA ASP A 184 -10.89 2.11 7.38
C ASP A 184 -11.25 0.80 8.06
N LEU A 185 -10.45 -0.23 7.82
CA LEU A 185 -10.69 -1.51 8.47
C LEU A 185 -10.53 -1.42 9.98
N THR A 186 -9.48 -0.73 10.43
CA THR A 186 -9.32 -0.46 11.86
C THR A 186 -10.54 0.26 12.43
N ASP A 187 -11.00 1.31 11.76
CA ASP A 187 -12.12 2.10 12.24
C ASP A 187 -13.39 1.25 12.32
N TYR A 188 -13.57 0.34 11.37
CA TYR A 188 -14.72 -0.56 11.40
C TYR A 188 -14.61 -1.57 12.53
N LEU A 189 -13.40 -2.09 12.77
CA LEU A 189 -13.22 -2.99 13.91
C LEU A 189 -13.55 -2.26 15.23
N MET A 190 -13.16 -1.00 15.35
CA MET A 190 -13.54 -0.20 16.51
C MET A 190 -15.05 -0.14 16.65
N LYS A 191 -15.72 0.10 15.52
CA LYS A 191 -17.18 0.23 15.53
C LYS A 191 -17.86 -1.06 15.98
N ILE A 192 -17.46 -2.19 15.41
CA ILE A 192 -18.16 -3.44 15.74
C ILE A 192 -17.76 -3.98 17.11
N LEU A 193 -16.56 -3.70 17.58
CA LEU A 193 -16.19 -4.04 18.96
C LEU A 193 -16.96 -3.18 19.95
N THR A 194 -17.16 -1.91 19.59
CA THR A 194 -18.02 -1.05 20.40
C THR A 194 -19.46 -1.58 20.43
N GLU A 195 -19.97 -2.06 19.29
CA GLU A 195 -21.31 -2.67 19.26
C GLU A 195 -21.38 -3.92 20.16
N ARG A 196 -20.27 -4.63 20.28
CA ARG A 196 -20.20 -5.83 21.14
C ARG A 196 -20.33 -5.49 22.64
N GLY A 197 -20.02 -4.24 23.01
CA GLY A 197 -20.10 -3.82 24.42
C GLY A 197 -18.81 -3.22 24.95
N TYR A 198 -17.80 -3.16 24.11
CA TYR A 198 -16.59 -2.45 24.46
C TYR A 198 -16.75 -0.97 24.06
N SER A 199 -15.70 -0.19 24.26
CA SER A 199 -15.71 1.21 23.87
C SER A 199 -14.37 1.55 23.24
N PHE A 200 -14.35 1.63 21.90
CA PHE A 200 -13.17 2.07 21.18
C PHE A 200 -13.54 3.25 20.29
N VAL A 201 -13.12 4.43 20.72
CA VAL A 201 -13.50 5.70 20.08
C VAL A 201 -12.35 6.71 19.95
N THR A 202 -11.33 6.62 20.80
CA THR A 202 -10.28 7.65 20.80
C THR A 202 -9.15 7.37 19.82
N THR A 203 -8.33 8.39 19.57
CA THR A 203 -7.19 8.23 18.67
C THR A 203 -6.19 7.19 19.21
N ALA A 204 -6.00 7.16 20.52
CA ALA A 204 -5.14 6.17 21.13
C ALA A 204 -5.74 4.78 20.97
N GLU A 205 -7.05 4.68 21.14
CA GLU A 205 -7.75 3.44 20.96
C GLU A 205 -7.69 2.95 19.51
N ARG A 206 -7.58 3.88 18.58
CA ARG A 206 -7.42 3.52 17.17
C ARG A 206 -6.14 2.71 16.97
N GLU A 207 -5.06 3.09 17.66
CA GLU A 207 -3.82 2.34 17.56
C GLU A 207 -3.91 0.98 18.23
N ILE A 208 -4.60 0.92 19.36
CA ILE A 208 -4.80 -0.36 20.03
C ILE A 208 -5.57 -1.34 19.12
N VAL A 209 -6.65 -0.85 18.52
CA VAL A 209 -7.47 -1.69 17.66
C VAL A 209 -6.72 -2.02 16.36
N ARG A 210 -5.84 -1.14 15.88
CA ARG A 210 -4.99 -1.51 14.77
C ARG A 210 -4.16 -2.75 15.14
N ASP A 211 -3.61 -2.78 16.35
CA ASP A 211 -2.79 -3.92 16.75
C ASP A 211 -3.65 -5.18 16.86
N ILE A 212 -4.86 -5.05 17.41
CA ILE A 212 -5.78 -6.19 17.48
C ILE A 212 -6.04 -6.73 16.08
N LYS A 213 -6.31 -5.83 15.14
CA LYS A 213 -6.59 -6.18 13.75
C LYS A 213 -5.43 -6.98 13.15
N GLU A 214 -4.22 -6.47 13.32
CA GLU A 214 -3.04 -7.11 12.73
C GLU A 214 -2.75 -8.47 13.35
N LYS A 215 -3.06 -8.62 14.64
CA LYS A 215 -2.75 -9.86 15.35
C LYS A 215 -3.80 -10.95 15.19
N LEU A 216 -5.08 -10.55 15.16
CA LEU A 216 -6.15 -11.54 15.33
C LEU A 216 -7.15 -11.63 14.18
N CYS A 217 -7.13 -10.69 13.25
CA CYS A 217 -8.10 -10.76 12.15
C CYS A 217 -7.62 -11.71 11.05
N TYR A 218 -8.58 -12.23 10.30
CA TYR A 218 -8.31 -13.13 9.19
C TYR A 218 -9.49 -13.13 8.24
N VAL A 219 -9.25 -13.57 7.01
CA VAL A 219 -10.30 -13.65 6.03
C VAL A 219 -10.92 -15.05 6.04
N ALA A 220 -12.23 -15.11 6.30
CA ALA A 220 -12.98 -16.35 6.27
C ALA A 220 -13.07 -16.87 4.84
N LEU A 221 -12.98 -18.19 4.66
CA LEU A 221 -13.21 -18.73 3.32
C LEU A 221 -14.66 -18.58 2.91
N ASP A 222 -15.57 -18.78 3.87
CA ASP A 222 -16.97 -18.50 3.64
C ASP A 222 -17.56 -17.74 4.83
N PHE A 223 -17.97 -16.52 4.55
CA PHE A 223 -18.46 -15.61 5.56
C PHE A 223 -19.63 -16.20 6.36
N GLU A 224 -20.66 -16.66 5.68
CA GLU A 224 -21.84 -17.16 6.37
C GLU A 224 -21.49 -18.34 7.25
N ASN A 225 -20.72 -19.27 6.72
CA ASN A 225 -20.39 -20.44 7.48
C ASN A 225 -19.72 -20.08 8.79
N GLU A 226 -18.77 -19.15 8.73
CA GLU A 226 -18.05 -18.77 9.94
C GLU A 226 -18.91 -17.94 10.89
N MET A 227 -19.83 -17.13 10.36
CA MET A 227 -20.80 -16.47 11.23
C MET A 227 -21.60 -17.50 12.01
N ALA A 228 -21.96 -18.62 11.36
CA ALA A 228 -22.75 -19.64 12.04
C ALA A 228 -21.95 -20.30 13.15
N THR A 229 -20.68 -20.61 12.90
CA THR A 229 -19.82 -21.16 13.94
C THR A 229 -19.68 -20.19 15.09
N ALA A 230 -19.52 -18.91 14.80
CA ALA A 230 -19.37 -17.92 15.86
C ALA A 230 -20.64 -17.74 16.66
N ALA A 231 -21.79 -17.92 16.03
CA ALA A 231 -23.09 -17.82 16.71
C ALA A 231 -23.35 -18.95 17.70
N SER A 232 -22.82 -20.13 17.44
CA SER A 232 -23.23 -21.34 18.17
C SER A 232 -22.11 -21.95 19.01
N SER A 233 -20.95 -21.31 19.02
CA SER A 233 -19.80 -21.86 19.71
C SER A 233 -18.82 -20.76 19.99
N SER A 234 -17.83 -21.08 20.82
CA SER A 234 -16.71 -20.19 21.12
C SER A 234 -15.44 -20.56 20.37
N SER A 235 -15.54 -21.43 19.37
CA SER A 235 -14.36 -22.00 18.71
C SER A 235 -13.46 -21.00 18.01
N LEU A 236 -14.01 -19.86 17.60
CA LEU A 236 -13.24 -18.86 16.87
C LEU A 236 -12.80 -17.70 17.77
N GLU A 237 -13.07 -17.77 19.08
CA GLU A 237 -12.78 -16.65 19.97
C GLU A 237 -11.34 -16.62 20.42
N LYS A 238 -10.84 -15.40 20.54
CA LYS A 238 -9.48 -15.13 21.01
C LYS A 238 -9.54 -14.01 22.01
N SER A 239 -8.66 -14.02 23.00
CA SER A 239 -8.60 -12.97 24.01
C SER A 239 -7.47 -12.01 23.71
N TYR A 240 -7.62 -10.76 24.14
CA TYR A 240 -6.61 -9.75 23.96
C TYR A 240 -6.58 -8.87 25.19
N GLU A 241 -5.40 -8.77 25.79
CA GLU A 241 -5.14 -7.92 26.97
C GLU A 241 -4.91 -6.49 26.53
N LEU A 242 -5.86 -5.60 26.85
CA LEU A 242 -5.70 -4.19 26.52
C LEU A 242 -4.63 -3.52 27.37
N PRO A 243 -4.01 -2.45 26.88
CA PRO A 243 -3.13 -1.67 27.73
C PRO A 243 -3.76 -1.32 29.09
N ASP A 244 -5.05 -1.01 29.12
CA ASP A 244 -5.68 -0.60 30.38
C ASP A 244 -5.99 -1.76 31.32
N GLY A 245 -5.66 -2.98 30.93
CA GLY A 245 -5.82 -4.14 31.82
C GLY A 245 -7.08 -4.96 31.62
N GLN A 246 -8.05 -4.47 30.86
CA GLN A 246 -9.21 -5.29 30.53
C GLN A 246 -8.81 -6.30 29.47
N VAL A 247 -9.21 -7.55 29.67
CA VAL A 247 -9.03 -8.57 28.67
C VAL A 247 -10.34 -8.69 27.92
N ILE A 248 -10.28 -8.45 26.61
CA ILE A 248 -11.48 -8.53 25.77
C ILE A 248 -11.46 -9.80 24.97
N THR A 249 -12.63 -10.18 24.47
CA THR A 249 -12.75 -11.33 23.61
C THR A 249 -13.20 -10.89 22.21
N ILE A 250 -12.50 -11.39 21.20
CA ILE A 250 -12.78 -11.06 19.79
C ILE A 250 -13.21 -12.39 19.15
N GLY A 251 -14.37 -12.40 18.51
CA GLY A 251 -14.91 -13.61 17.93
C GLY A 251 -15.15 -13.41 16.44
N ASN A 252 -16.42 -13.29 16.04
CA ASN A 252 -16.73 -13.02 14.62
C ASN A 252 -16.12 -11.74 14.08
N GLU A 253 -15.76 -10.80 14.95
CA GLU A 253 -15.11 -9.58 14.53
C GLU A 253 -13.77 -9.88 13.84
N ARG A 254 -13.14 -10.99 14.20
CA ARG A 254 -11.88 -11.38 13.61
C ARG A 254 -11.97 -11.44 12.08
N PHE A 255 -13.05 -12.00 11.56
CA PHE A 255 -13.20 -12.09 10.10
C PHE A 255 -14.19 -11.10 9.52
N ARG A 256 -15.10 -10.55 10.33
CA ARG A 256 -15.99 -9.51 9.82
C ARG A 256 -15.25 -8.27 9.41
N CYS A 257 -14.17 -7.94 10.12
CA CYS A 257 -13.42 -6.75 9.80
C CYS A 257 -12.88 -6.78 8.36
N PRO A 258 -12.00 -7.73 8.01
CA PRO A 258 -11.48 -7.77 6.63
C PRO A 258 -12.49 -8.23 5.57
N GLU A 259 -13.62 -8.80 5.98
CA GLU A 259 -14.65 -9.15 5.01
C GLU A 259 -15.06 -7.91 4.23
N THR A 260 -14.92 -6.75 4.84
CA THR A 260 -15.25 -5.46 4.19
C THR A 260 -14.51 -5.30 2.84
N LEU A 261 -13.30 -5.85 2.73
CA LEU A 261 -12.58 -5.83 1.45
C LEU A 261 -13.36 -6.47 0.32
N PHE A 262 -14.07 -7.56 0.63
CA PHE A 262 -14.87 -8.30 -0.33
C PHE A 262 -16.29 -7.75 -0.46
N GLN A 263 -16.76 -7.05 0.57
CA GLN A 263 -18.09 -6.44 0.56
C GLN A 263 -18.03 -5.07 1.23
N PRO A 264 -17.61 -4.06 0.46
CA PRO A 264 -17.48 -2.72 1.03
C PRO A 264 -18.76 -2.08 1.58
N SER A 265 -19.92 -2.65 1.23
CA SER A 265 -21.17 -2.15 1.77
C SER A 265 -21.23 -2.29 3.30
N PHE A 266 -20.42 -3.14 3.90
CA PHE A 266 -20.40 -3.23 5.37
C PHE A 266 -20.11 -1.89 6.03
N ILE A 267 -19.34 -1.02 5.37
CA ILE A 267 -19.14 0.35 5.88
C ILE A 267 -19.80 1.43 5.00
N GLY A 268 -20.80 1.02 4.24
CA GLY A 268 -21.61 1.95 3.45
C GLY A 268 -21.00 2.41 2.15
N MET A 269 -19.93 1.76 1.73
CA MET A 269 -19.28 2.08 0.45
C MET A 269 -19.94 1.29 -0.66
N GLU A 270 -20.09 1.94 -1.80
CA GLU A 270 -20.79 1.35 -2.95
C GLU A 270 -19.87 0.52 -3.84
N SER A 271 -18.56 0.56 -3.61
CA SER A 271 -17.60 -0.08 -4.51
C SER A 271 -17.78 -1.60 -4.60
N ALA A 272 -17.44 -2.15 -5.76
CA ALA A 272 -17.15 -3.56 -5.91
C ALA A 272 -16.08 -3.95 -4.90
N GLY A 273 -16.19 -5.16 -4.38
CA GLY A 273 -15.12 -5.72 -3.55
C GLY A 273 -13.88 -6.07 -4.35
N ILE A 274 -12.80 -6.40 -3.65
CA ILE A 274 -11.49 -6.54 -4.28
C ILE A 274 -11.42 -7.68 -5.30
N HIS A 275 -12.22 -8.72 -5.13
CA HIS A 275 -12.31 -9.79 -6.12
C HIS A 275 -12.95 -9.29 -7.42
N GLU A 276 -13.99 -8.47 -7.30
CA GLU A 276 -14.73 -7.95 -8.46
C GLU A 276 -13.92 -6.86 -9.15
N THR A 277 -13.24 -6.00 -8.39
CA THR A 277 -12.36 -5.01 -9.05
C THR A 277 -11.20 -5.69 -9.78
N THR A 278 -10.68 -6.79 -9.24
CA THR A 278 -9.63 -7.58 -9.93
C THR A 278 -10.18 -8.08 -11.26
N TYR A 279 -11.34 -8.72 -11.21
CA TYR A 279 -12.01 -9.22 -12.40
C TYR A 279 -12.27 -8.08 -13.40
N ASN A 280 -12.84 -6.98 -12.92
CA ASN A 280 -13.16 -5.87 -13.81
C ASN A 280 -11.92 -5.33 -14.50
N SER A 281 -10.82 -5.24 -13.77
CA SER A 281 -9.55 -4.76 -14.32
C SER A 281 -9.06 -5.70 -15.43
N ILE A 282 -9.09 -6.99 -15.16
CA ILE A 282 -8.64 -7.97 -16.15
C ILE A 282 -9.48 -7.88 -17.42
N MET A 283 -10.79 -7.70 -17.26
CA MET A 283 -11.72 -7.65 -18.38
C MET A 283 -11.56 -6.44 -19.27
N LYS A 284 -10.87 -5.42 -18.78
CA LYS A 284 -10.56 -4.25 -19.60
C LYS A 284 -9.29 -4.42 -20.39
N CYS A 285 -8.60 -5.55 -20.22
CA CYS A 285 -7.36 -5.81 -20.95
C CYS A 285 -7.60 -6.68 -22.17
N ASP A 286 -6.64 -6.61 -23.09
CA ASP A 286 -6.66 -7.37 -24.32
C ASP A 286 -6.76 -8.87 -24.02
N ILE A 287 -7.60 -9.57 -24.77
CA ILE A 287 -7.77 -11.01 -24.60
C ILE A 287 -6.45 -11.80 -24.62
N ASP A 288 -5.48 -11.33 -25.41
CA ASP A 288 -4.19 -12.01 -25.50
C ASP A 288 -3.37 -12.02 -24.21
N ILE A 289 -3.68 -11.11 -23.28
CA ILE A 289 -2.93 -11.07 -22.02
C ILE A 289 -3.75 -11.46 -20.78
N ARG A 290 -5.07 -11.59 -20.95
CA ARG A 290 -5.92 -11.89 -19.80
C ARG A 290 -5.50 -13.17 -19.09
N LYS A 291 -5.14 -14.19 -19.86
CA LYS A 291 -4.76 -15.46 -19.26
C LYS A 291 -3.49 -15.29 -18.42
N ASP A 292 -2.56 -14.48 -18.88
CA ASP A 292 -1.35 -14.21 -18.13
C ASP A 292 -1.67 -13.47 -16.84
N LEU A 293 -2.66 -12.57 -16.89
CA LEU A 293 -3.06 -11.82 -15.69
C LEU A 293 -3.71 -12.75 -14.66
N TYR A 294 -4.65 -13.57 -15.12
CA TYR A 294 -5.34 -14.50 -14.24
C TYR A 294 -4.37 -15.45 -13.52
N ALA A 295 -3.31 -15.85 -14.22
CA ALA A 295 -2.30 -16.78 -13.67
C ALA A 295 -1.25 -16.10 -12.80
N ASN A 296 -1.32 -14.77 -12.68
CA ASN A 296 -0.31 -14.02 -11.95
C ASN A 296 -0.93 -12.86 -11.19
N ASN A 297 -1.84 -13.18 -10.29
CA ASN A 297 -2.37 -12.19 -9.35
C ASN A 297 -1.45 -12.07 -8.17
N VAL A 298 -0.78 -10.93 -8.01
CA VAL A 298 0.18 -10.74 -6.93
C VAL A 298 -0.39 -9.78 -5.90
N MET A 299 -0.40 -10.22 -4.65
CA MET A 299 -0.87 -9.41 -3.51
CA MET A 299 -0.88 -9.38 -3.55
C MET A 299 0.26 -8.56 -2.97
N SER A 300 -0.02 -7.29 -2.69
CA SER A 300 0.96 -6.34 -2.16
C SER A 300 0.33 -5.49 -1.06
N GLY A 301 1.11 -5.11 -0.07
CA GLY A 301 0.68 -4.14 0.92
C GLY A 301 0.23 -4.78 2.21
N GLY A 302 0.29 -4.00 3.27
CA GLY A 302 -0.06 -4.49 4.61
C GLY A 302 -1.46 -5.04 4.75
N THR A 303 -2.41 -4.49 3.99
CA THR A 303 -3.79 -4.92 4.13
C THR A 303 -4.08 -6.22 3.38
N THR A 304 -3.09 -6.73 2.67
CA THR A 304 -3.19 -8.10 2.13
C THR A 304 -2.57 -9.15 3.04
N MET A 305 -2.21 -8.78 4.27
CA MET A 305 -1.54 -9.71 5.19
C MET A 305 -2.47 -10.64 5.95
N TYR A 306 -3.78 -10.44 5.85
CA TYR A 306 -4.71 -11.29 6.58
C TYR A 306 -4.55 -12.75 6.20
N PRO A 307 -4.38 -13.63 7.19
CA PRO A 307 -4.44 -15.04 6.87
C PRO A 307 -5.73 -15.37 6.13
N GLY A 308 -5.65 -16.25 5.15
CA GLY A 308 -6.81 -16.67 4.39
C GLY A 308 -7.10 -15.87 3.15
N ILE A 309 -6.45 -14.73 2.96
CA ILE A 309 -6.88 -13.85 1.87
C ILE A 309 -6.62 -14.47 0.50
N ALA A 310 -5.51 -15.17 0.31
CA ALA A 310 -5.19 -15.75 -1.00
C ALA A 310 -6.20 -16.81 -1.38
N ASP A 311 -6.53 -17.70 -0.46
CA ASP A 311 -7.51 -18.75 -0.72
C ASP A 311 -8.87 -18.16 -1.04
N ARG A 312 -9.24 -17.10 -0.33
CA ARG A 312 -10.52 -16.46 -0.58
C ARG A 312 -10.54 -15.80 -1.96
N MET A 313 -9.47 -15.09 -2.29
CA MET A 313 -9.36 -14.51 -3.62
C MET A 313 -9.47 -15.59 -4.70
N GLN A 314 -8.77 -16.70 -4.50
CA GLN A 314 -8.83 -17.80 -5.47
C GLN A 314 -10.25 -18.26 -5.67
N LYS A 315 -10.96 -18.50 -4.57
CA LYS A 315 -12.37 -18.91 -4.63
C LYS A 315 -13.25 -17.88 -5.37
N GLU A 316 -13.12 -16.60 -5.02
CA GLU A 316 -14.00 -15.58 -5.59
C GLU A 316 -13.71 -15.31 -7.06
N ILE A 317 -12.43 -15.26 -7.42
CA ILE A 317 -12.09 -15.03 -8.83
C ILE A 317 -12.49 -16.25 -9.68
N THR A 318 -12.33 -17.45 -9.15
CA THR A 318 -12.77 -18.66 -9.85
C THR A 318 -14.25 -18.60 -10.17
N ALA A 319 -15.06 -18.10 -9.25
CA ALA A 319 -16.51 -18.01 -9.47
C ALA A 319 -16.88 -16.97 -10.53
N LEU A 320 -16.05 -15.96 -10.74
CA LEU A 320 -16.32 -14.92 -11.77
C LEU A 320 -15.76 -15.26 -13.16
N ALA A 321 -14.66 -15.99 -13.21
CA ALA A 321 -13.90 -16.19 -14.43
C ALA A 321 -14.46 -17.34 -15.22
N PRO A 322 -14.08 -17.44 -16.50
CA PRO A 322 -14.48 -18.60 -17.28
C PRO A 322 -14.07 -19.92 -16.59
N SER A 323 -14.88 -20.95 -16.75
CA SER A 323 -14.63 -22.22 -16.07
C SER A 323 -13.31 -22.91 -16.48
N THR A 324 -12.83 -22.54 -17.66
CA THR A 324 -11.61 -23.10 -18.22
C THR A 324 -10.34 -22.38 -17.77
N MET A 325 -10.49 -21.26 -17.05
CA MET A 325 -9.35 -20.38 -16.77
C MET A 325 -8.45 -20.85 -15.62
N LYS A 326 -7.14 -20.82 -15.87
CA LYS A 326 -6.15 -21.08 -14.83
C LYS A 326 -5.94 -19.82 -14.01
N ILE A 327 -6.13 -19.93 -12.71
CA ILE A 327 -6.06 -18.81 -11.79
C ILE A 327 -5.05 -19.11 -10.70
N LYS A 328 -4.20 -18.14 -10.39
CA LYS A 328 -3.23 -18.25 -9.33
C LYS A 328 -3.11 -16.93 -8.61
N ILE A 329 -3.15 -17.00 -7.27
CA ILE A 329 -2.92 -15.86 -6.39
C ILE A 329 -1.57 -16.08 -5.70
N ILE A 330 -0.67 -15.10 -5.85
CA ILE A 330 0.66 -15.14 -5.24
C ILE A 330 0.69 -14.12 -4.11
N ALA A 331 1.06 -14.58 -2.92
CA ALA A 331 1.07 -13.73 -1.73
C ALA A 331 2.45 -13.84 -1.10
N PRO A 332 3.41 -13.05 -1.60
CA PRO A 332 4.78 -13.14 -1.10
C PRO A 332 4.86 -12.83 0.39
N PRO A 333 5.62 -13.61 1.15
CA PRO A 333 5.69 -13.33 2.58
C PRO A 333 6.16 -11.92 2.92
N GLU A 334 6.99 -11.34 2.06
CA GLU A 334 7.59 -10.02 2.28
C GLU A 334 6.73 -8.86 1.78
N ARG A 335 5.45 -9.12 1.52
CA ARG A 335 4.61 -8.15 0.80
C ARG A 335 4.25 -6.86 1.53
N LYS A 336 4.57 -6.74 2.82
CA LYS A 336 4.53 -5.44 3.48
C LYS A 336 5.57 -4.48 2.91
N TYR A 337 6.61 -5.03 2.29
CA TYR A 337 7.74 -4.24 1.82
C TYR A 337 8.07 -4.47 0.36
N SER A 338 7.19 -5.14 -0.39
CA SER A 338 7.51 -5.48 -1.76
C SER A 338 7.63 -4.27 -2.69
N VAL A 339 6.83 -3.21 -2.46
CA VAL A 339 6.98 -2.00 -3.26
C VAL A 339 8.44 -1.52 -3.11
N TRP A 340 8.90 -1.42 -1.88
CA TRP A 340 10.27 -0.91 -1.65
C TRP A 340 11.29 -1.83 -2.32
N ILE A 341 11.12 -3.14 -2.14
CA ILE A 341 12.08 -4.12 -2.69
C ILE A 341 12.13 -4.02 -4.21
N GLY A 342 10.97 -3.86 -4.84
CA GLY A 342 10.90 -3.64 -6.26
C GLY A 342 11.67 -2.42 -6.70
N GLY A 343 11.59 -1.36 -5.89
CA GLY A 343 12.35 -0.14 -6.14
C GLY A 343 13.83 -0.41 -6.07
N SER A 344 14.24 -1.16 -5.06
CA SER A 344 15.65 -1.55 -4.90
C SER A 344 16.15 -2.32 -6.12
N ILE A 345 15.34 -3.28 -6.59
CA ILE A 345 15.68 -4.05 -7.79
C ILE A 345 15.82 -3.13 -9.00
N LEU A 346 14.82 -2.28 -9.23
CA LEU A 346 14.79 -1.42 -10.41
C LEU A 346 15.95 -0.42 -10.44
N ALA A 347 16.17 0.27 -9.32
CA ALA A 347 17.17 1.34 -9.24
C ALA A 347 18.61 0.82 -9.35
N SER A 348 18.82 -0.47 -9.10
CA SER A 348 20.15 -1.06 -9.19
C SER A 348 20.38 -1.87 -10.47
N LEU A 349 19.42 -1.84 -11.39
CA LEU A 349 19.59 -2.48 -12.70
C LEU A 349 20.50 -1.63 -13.58
N SER A 350 21.47 -2.26 -14.24
CA SER A 350 22.38 -1.56 -15.15
C SER A 350 21.61 -0.86 -16.27
N THR A 351 20.61 -1.55 -16.81
CA THR A 351 19.79 -1.00 -17.88
C THR A 351 18.81 0.11 -17.46
N PHE A 352 18.75 0.41 -16.16
CA PHE A 352 17.94 1.51 -15.64
C PHE A 352 18.71 2.84 -15.67
N GLN A 353 20.04 2.75 -15.76
CA GLN A 353 20.92 3.92 -15.74
C GLN A 353 20.48 5.08 -16.65
N GLN A 354 19.98 4.73 -17.84
CA GLN A 354 19.54 5.73 -18.82
C GLN A 354 18.15 6.29 -18.58
N MET A 355 17.43 5.73 -17.59
CA MET A 355 16.03 6.08 -17.34
C MET A 355 15.86 7.27 -16.38
N TRP A 356 16.87 7.53 -15.55
CA TRP A 356 16.80 8.64 -14.58
C TRP A 356 16.53 9.97 -15.27
N ILE A 357 15.73 10.82 -14.62
CA ILE A 357 15.66 12.23 -14.97
C ILE A 357 16.91 12.85 -14.35
N THR A 358 17.71 13.52 -15.18
CA THR A 358 18.91 14.20 -14.70
C THR A 358 18.59 15.65 -14.36
N LYS A 359 19.45 16.24 -13.53
CA LYS A 359 19.36 17.66 -13.19
C LYS A 359 19.36 18.57 -14.44
N GLN A 360 20.16 18.22 -15.44
CA GLN A 360 20.22 18.96 -16.69
C GLN A 360 18.89 18.95 -17.42
N GLU A 361 18.29 17.77 -17.52
CA GLU A 361 16.98 17.62 -18.14
C GLU A 361 15.93 18.47 -17.42
N TYR A 362 15.95 18.45 -16.08
CA TYR A 362 15.00 19.24 -15.30
C TYR A 362 15.18 20.75 -15.55
N ASP A 363 16.42 21.21 -15.57
CA ASP A 363 16.74 22.61 -15.87
C ASP A 363 16.15 23.08 -17.20
N GLU A 364 16.18 22.19 -18.19
CA GLU A 364 15.72 22.52 -19.54
C GLU A 364 14.21 22.39 -19.73
N ALA A 365 13.63 21.33 -19.18
CA ALA A 365 12.21 21.02 -19.40
C ALA A 365 11.31 21.40 -18.22
N GLY A 366 11.90 21.55 -17.04
CA GLY A 366 11.12 21.85 -15.83
C GLY A 366 10.43 20.63 -15.28
N PRO A 367 9.53 20.82 -14.28
CA PRO A 367 8.73 19.75 -13.68
C PRO A 367 7.99 18.87 -14.68
N SER A 368 7.62 19.43 -15.83
CA SER A 368 6.93 18.68 -16.90
C SER A 368 7.74 17.51 -17.48
N ILE A 369 9.05 17.50 -17.23
CA ILE A 369 9.93 16.40 -17.66
C ILE A 369 9.43 15.05 -17.15
N VAL A 370 8.79 15.03 -15.99
CA VAL A 370 8.32 13.79 -15.37
C VAL A 370 7.32 13.04 -16.28
N HIS A 371 6.54 13.81 -17.04
CA HIS A 371 5.52 13.24 -17.92
CA HIS A 371 5.52 13.25 -17.93
C HIS A 371 6.15 12.48 -19.09
N ARG A 372 7.29 12.96 -19.55
CA ARG A 372 7.99 12.36 -20.68
C ARG A 372 8.86 11.17 -20.27
N LYS A 373 9.39 11.20 -19.06
CA LYS A 373 10.40 10.21 -18.66
C LYS A 373 9.90 9.12 -17.70
N CYS A 374 8.78 9.37 -17.01
CA CYS A 374 8.26 8.40 -16.04
C CYS A 374 6.85 7.96 -16.42
#